data_7KM9
#
_entry.id   7KM9
#
_cell.length_a   58.970
_cell.length_b   58.970
_cell.length_c   130.340
_cell.angle_alpha   90.000
_cell.angle_beta   90.000
_cell.angle_gamma   90.000
#
_symmetry.space_group_name_H-M   'P 41 2 2'
#
loop_
_entity.id
_entity.type
_entity.pdbx_description
1 polymer 'Dihydrofolate reductase'
2 non-polymer 'NADP NICOTINAMIDE-ADENINE-DINUCLEOTIDE PHOSPHATE'
3 non-polymer '(2R)-2-[(3-{3-[(2,4-diamino-6-ethylpyrimidin-5-yl)oxy]propoxy}phenyl)methyl]-3,3-difluoropropanoic acid'
4 non-polymer 'BROMIDE ION'
5 non-polymer 'CHLORIDE ION'
6 water water
#
_entity_poly.entity_id   1
_entity_poly.type   'polypeptide(L)'
_entity_poly.pdbx_seq_one_letter_code
;MAHHHHHHMTSVGLIWAQSTSGVIGRDGGIPWRLPEDLAHFKRLTMGHTVVMGRRTWDSLPAAHRPLPGRRNVVVTRQTG
LVAHGAQVVGSLEQALSPAEPDAATWVIGGAQIYALALPLANRCEVTEVDVDLPPEDEDALAPVLDQTWAGTSGEWLVSR
SGLRYRMHSYRRL
;
_entity_poly.pdbx_strand_id   A
#
# COMPACT_ATOMS: atom_id res chain seq x y z
N SER A 11 -5.32 13.86 8.24
CA SER A 11 -5.72 12.44 8.21
C SER A 11 -4.92 11.62 7.19
N VAL A 12 -4.04 10.74 7.69
CA VAL A 12 -3.16 9.95 6.85
C VAL A 12 -3.38 8.48 7.15
N GLY A 13 -3.68 7.70 6.10
CA GLY A 13 -3.85 6.27 6.24
C GLY A 13 -2.85 5.54 5.36
N LEU A 14 -2.41 4.39 5.84
CA LEU A 14 -1.60 3.46 5.07
C LEU A 14 -2.47 2.28 4.68
N ILE A 15 -2.26 1.77 3.48
CA ILE A 15 -2.97 0.59 3.00
C ILE A 15 -1.96 -0.32 2.31
N TRP A 16 -1.96 -1.60 2.66
CA TRP A 16 -1.01 -2.50 2.02
C TRP A 16 -1.56 -3.93 2.09
N ALA A 17 -1.02 -4.78 1.22
CA ALA A 17 -1.29 -6.22 1.27
C ALA A 17 0.02 -6.92 1.57
N GLN A 18 -0.01 -7.90 2.50
CA GLN A 18 1.21 -8.61 2.85
C GLN A 18 0.95 -10.11 2.93
N SER A 19 1.98 -10.89 2.64
CA SER A 19 1.94 -12.28 3.06
C SER A 19 1.99 -12.37 4.57
N THR A 20 1.67 -13.57 5.11
CA THR A 20 1.74 -13.76 6.55
C THR A 20 3.13 -13.41 7.08
N SER A 21 4.18 -13.76 6.32
CA SER A 21 5.55 -13.49 6.72
C SER A 21 5.94 -12.01 6.61
N GLY A 22 5.08 -11.14 6.10
CA GLY A 22 5.37 -9.72 6.05
C GLY A 22 5.92 -9.21 4.74
N VAL A 23 5.97 -10.05 3.70
CA VAL A 23 6.46 -9.61 2.40
C VAL A 23 5.36 -8.83 1.69
N ILE A 24 5.71 -7.66 1.15
CA ILE A 24 4.80 -6.91 0.30
C ILE A 24 5.28 -6.83 -1.16
N GLY A 25 6.56 -7.05 -1.43
CA GLY A 25 7.07 -6.86 -2.78
C GLY A 25 8.29 -7.72 -3.03
N ARG A 26 8.43 -8.16 -4.27
CA ARG A 26 9.58 -8.95 -4.71
C ARG A 26 9.80 -8.70 -6.19
N ASP A 27 11.06 -8.47 -6.58
CA ASP A 27 11.46 -8.34 -7.98
C ASP A 27 10.66 -7.26 -8.71
N GLY A 28 10.35 -6.17 -8.01
CA GLY A 28 9.65 -5.04 -8.59
C GLY A 28 8.16 -5.22 -8.77
N GLY A 29 7.56 -6.23 -8.14
CA GLY A 29 6.13 -6.44 -8.27
C GLY A 29 5.56 -6.99 -6.99
N ILE A 30 4.33 -7.47 -7.03
CA ILE A 30 3.67 -8.08 -5.87
C ILE A 30 3.61 -9.58 -6.13
N PRO A 31 4.08 -10.43 -5.19
CA PRO A 31 4.28 -11.85 -5.53
C PRO A 31 3.03 -12.72 -5.43
N TRP A 32 1.84 -12.13 -5.55
CA TRP A 32 0.61 -12.92 -5.63
C TRP A 32 -0.42 -12.10 -6.39
N ARG A 33 -1.49 -12.77 -6.80
CA ARG A 33 -2.64 -12.12 -7.42
C ARG A 33 -3.86 -12.38 -6.54
N LEU A 34 -4.52 -11.32 -6.11
CA LEU A 34 -5.69 -11.46 -5.25
C LEU A 34 -6.73 -10.44 -5.70
N PRO A 35 -7.63 -10.82 -6.63
CA PRO A 35 -8.67 -9.90 -7.11
C PRO A 35 -9.43 -9.18 -6.00
N GLU A 36 -9.81 -9.90 -4.94
CA GLU A 36 -10.60 -9.27 -3.88
C GLU A 36 -9.81 -8.17 -3.17
N ASP A 37 -8.47 -8.26 -3.16
CA ASP A 37 -7.68 -7.19 -2.57
C ASP A 37 -7.65 -5.97 -3.47
N LEU A 38 -7.59 -6.18 -4.77
CA LEU A 38 -7.62 -5.04 -5.69
C LEU A 38 -8.95 -4.29 -5.58
N ALA A 39 -10.06 -5.04 -5.46
CA ALA A 39 -11.35 -4.39 -5.26
C ALA A 39 -11.40 -3.62 -3.94
N HIS A 40 -10.86 -4.22 -2.88
CA HIS A 40 -10.76 -3.56 -1.58
C HIS A 40 -9.90 -2.30 -1.66
N PHE A 41 -8.74 -2.41 -2.32
CA PHE A 41 -7.84 -1.26 -2.50
C PHE A 41 -8.54 -0.15 -3.27
N LYS A 42 -9.20 -0.49 -4.37
CA LYS A 42 -9.86 0.52 -5.19
C LYS A 42 -10.96 1.20 -4.41
N ARG A 43 -11.76 0.41 -3.69
CA ARG A 43 -12.90 0.93 -2.94
C ARG A 43 -12.44 1.90 -1.86
N LEU A 44 -11.34 1.59 -1.17
CA LEU A 44 -10.91 2.47 -0.09
C LEU A 44 -10.20 3.73 -0.58
N THR A 45 -9.53 3.68 -1.74
CA THR A 45 -8.74 4.82 -2.18
C THR A 45 -9.45 5.72 -3.19
N MET A 46 -10.53 5.26 -3.83
CA MET A 46 -11.16 6.03 -4.90
C MET A 46 -11.59 7.41 -4.39
N GLY A 47 -11.33 8.43 -5.21
CA GLY A 47 -11.66 9.80 -4.85
C GLY A 47 -10.68 10.48 -3.92
N HIS A 48 -9.66 9.79 -3.43
CA HIS A 48 -8.71 10.40 -2.51
C HIS A 48 -7.33 10.49 -3.16
N THR A 49 -6.48 11.30 -2.56
CA THR A 49 -5.09 11.33 -2.98
C THR A 49 -4.41 10.02 -2.61
N VAL A 50 -3.63 9.47 -3.54
CA VAL A 50 -2.79 8.32 -3.25
C VAL A 50 -1.33 8.74 -3.37
N VAL A 51 -0.54 8.42 -2.36
CA VAL A 51 0.87 8.80 -2.27
C VAL A 51 1.71 7.53 -2.35
N MET A 52 2.70 7.53 -3.25
CA MET A 52 3.53 6.34 -3.44
C MET A 52 4.98 6.74 -3.70
N GLY A 53 5.88 5.83 -3.37
CA GLY A 53 7.27 5.99 -3.76
C GLY A 53 7.46 5.73 -5.24
N ARG A 54 8.60 6.22 -5.75
CA ARG A 54 8.86 6.15 -7.19
C ARG A 54 8.88 4.71 -7.69
N ARG A 55 9.49 3.80 -6.93
CA ARG A 55 9.50 2.39 -7.35
C ARG A 55 8.10 1.81 -7.46
N THR A 56 7.19 2.22 -6.56
CA THR A 56 5.81 1.72 -6.62
C THR A 56 5.07 2.29 -7.83
N TRP A 57 5.28 3.57 -8.14
CA TRP A 57 4.79 4.13 -9.40
C TRP A 57 5.27 3.31 -10.59
N ASP A 58 6.57 3.01 -10.62
CA ASP A 58 7.15 2.18 -11.68
C ASP A 58 6.48 0.81 -11.75
N SER A 59 6.03 0.31 -10.60
CA SER A 59 5.47 -1.03 -10.52
C SER A 59 4.01 -1.11 -10.98
N LEU A 60 3.33 0.03 -11.15
CA LEU A 60 1.94 -0.03 -11.57
C LEU A 60 1.86 -0.55 -13.00
N PRO A 61 1.03 -1.55 -13.29
CA PRO A 61 0.81 -1.94 -14.69
C PRO A 61 0.36 -0.74 -15.49
N ALA A 62 0.84 -0.67 -16.74
CA ALA A 62 0.64 0.51 -17.58
C ALA A 62 -0.84 0.88 -17.70
N ALA A 63 -1.73 -0.10 -17.85
CA ALA A 63 -3.15 0.21 -18.01
C ALA A 63 -3.76 0.84 -16.75
N HIS A 64 -3.07 0.78 -15.61
CA HIS A 64 -3.53 1.35 -14.35
C HIS A 64 -2.62 2.46 -13.85
N ARG A 65 -1.85 3.09 -14.73
CA ARG A 65 -0.89 4.11 -14.33
C ARG A 65 -1.09 5.35 -15.19
N PRO A 66 -1.53 6.48 -14.63
CA PRO A 66 -1.83 6.68 -13.21
C PRO A 66 -3.11 5.95 -12.74
N LEU A 67 -3.29 5.82 -11.43
CA LEU A 67 -4.50 5.17 -10.90
C LEU A 67 -5.71 6.06 -11.14
N PRO A 68 -6.72 5.59 -11.86
CA PRO A 68 -7.82 6.46 -12.26
C PRO A 68 -8.69 6.90 -11.08
N GLY A 69 -9.25 8.10 -11.21
CA GLY A 69 -10.14 8.62 -10.19
C GLY A 69 -9.50 9.11 -8.92
N ARG A 70 -8.17 9.16 -8.86
CA ARG A 70 -7.44 9.54 -7.66
C ARG A 70 -6.30 10.47 -8.07
N ARG A 71 -6.03 11.46 -7.23
CA ARG A 71 -4.83 12.26 -7.42
C ARG A 71 -3.60 11.39 -7.06
N ASN A 72 -2.73 11.14 -8.04
CA ASN A 72 -1.51 10.34 -7.81
C ASN A 72 -0.34 11.27 -7.48
N VAL A 73 0.36 10.99 -6.37
CA VAL A 73 1.52 11.75 -5.94
C VAL A 73 2.70 10.79 -5.81
N VAL A 74 3.80 11.10 -6.49
CA VAL A 74 4.97 10.23 -6.53
C VAL A 74 6.12 10.93 -5.79
N VAL A 75 6.72 10.21 -4.82
CA VAL A 75 7.82 10.74 -4.02
C VAL A 75 9.13 10.23 -4.61
N THR A 76 10.06 11.14 -4.89
CA THR A 76 11.35 10.79 -5.47
C THR A 76 12.40 11.77 -5.00
N ARG A 77 13.66 11.36 -5.09
CA ARG A 77 14.76 12.29 -4.91
C ARG A 77 15.31 12.80 -6.23
N GLN A 78 14.76 12.33 -7.35
CA GLN A 78 15.19 12.78 -8.65
C GLN A 78 14.69 14.20 -8.93
N THR A 79 15.38 14.89 -9.83
CA THR A 79 14.95 16.20 -10.29
C THR A 79 14.34 16.08 -11.68
N GLY A 80 13.33 16.89 -11.94
CA GLY A 80 12.59 16.83 -13.17
C GLY A 80 12.07 15.46 -13.58
N LEU A 81 11.72 14.60 -12.62
CA LEU A 81 11.10 13.33 -12.97
C LEU A 81 9.72 13.57 -13.57
N VAL A 82 9.40 12.85 -14.63
CA VAL A 82 8.10 12.97 -15.30
C VAL A 82 7.34 11.67 -15.09
N ALA A 83 6.25 11.78 -14.35
CA ALA A 83 5.33 10.68 -14.10
C ALA A 83 4.00 11.15 -14.65
N HIS A 84 3.71 10.77 -15.89
CA HIS A 84 2.59 11.37 -16.61
C HIS A 84 1.29 11.16 -15.86
N GLY A 85 0.55 12.25 -15.65
CA GLY A 85 -0.70 12.18 -14.94
C GLY A 85 -0.56 12.21 -13.44
N ALA A 86 0.64 12.37 -12.91
CA ALA A 86 0.88 12.37 -11.47
C ALA A 86 1.60 13.66 -11.08
N GLN A 87 1.52 13.99 -9.80
CA GLN A 87 2.36 15.06 -9.26
C GLN A 87 3.60 14.43 -8.65
N VAL A 88 4.75 15.07 -8.88
CA VAL A 88 6.04 14.59 -8.40
C VAL A 88 6.50 15.53 -7.29
N VAL A 89 6.90 14.94 -6.15
CA VAL A 89 7.34 15.69 -4.98
C VAL A 89 8.64 15.09 -4.45
N GLY A 90 9.34 15.86 -3.62
CA GLY A 90 10.66 15.48 -3.15
C GLY A 90 10.72 14.98 -1.72
N SER A 91 9.57 14.90 -1.05
CA SER A 91 9.52 14.48 0.34
C SER A 91 8.08 14.06 0.65
N LEU A 92 7.92 13.32 1.74
CA LEU A 92 6.57 12.96 2.14
C LEU A 92 5.79 14.18 2.61
N GLU A 93 6.46 15.10 3.29
CA GLU A 93 5.80 16.32 3.75
C GLU A 93 5.17 17.08 2.59
N GLN A 94 5.90 17.20 1.47
CA GLN A 94 5.35 17.89 0.31
C GLN A 94 4.10 17.19 -0.21
N ALA A 95 4.09 15.85 -0.14
CA ALA A 95 2.97 15.07 -0.65
C ALA A 95 1.70 15.30 0.17
N LEU A 96 1.82 15.82 1.39
CA LEU A 96 0.70 15.90 2.32
C LEU A 96 0.22 17.32 2.60
N SER A 97 0.81 18.34 1.99
CA SER A 97 0.34 19.71 2.22
C SER A 97 -1.09 19.90 1.68
N ALA A 103 -7.99 16.18 2.57
CA ALA A 103 -8.97 15.59 3.47
C ALA A 103 -8.48 14.23 4.00
N ALA A 104 -8.69 13.18 3.22
CA ALA A 104 -8.23 11.84 3.57
C ALA A 104 -7.21 11.39 2.54
N THR A 105 -5.97 11.16 2.98
CA THR A 105 -4.88 10.78 2.10
C THR A 105 -4.43 9.35 2.38
N TRP A 106 -4.23 8.56 1.31
CA TRP A 106 -3.80 7.18 1.41
C TRP A 106 -2.38 7.02 0.89
N VAL A 107 -1.52 6.45 1.72
CA VAL A 107 -0.15 6.11 1.33
C VAL A 107 -0.17 4.65 0.91
N ILE A 108 0.19 4.39 -0.34
CA ILE A 108 -0.04 3.09 -0.96
C ILE A 108 1.27 2.34 -1.22
N GLY A 109 2.37 2.75 -0.59
CA GLY A 109 3.63 2.02 -0.65
C GLY A 109 4.69 2.77 -1.44
N GLY A 110 5.87 2.16 -1.52
CA GLY A 110 6.16 0.87 -0.91
C GLY A 110 6.79 0.94 0.47
N ALA A 111 7.71 0.02 0.75
CA ALA A 111 8.22 -0.12 2.10
C ALA A 111 8.90 1.16 2.59
N GLN A 112 9.67 1.82 1.72
CA GLN A 112 10.39 3.01 2.17
C GLN A 112 9.41 4.13 2.49
N ILE A 113 8.38 4.28 1.67
CA ILE A 113 7.41 5.35 1.90
C ILE A 113 6.50 5.00 3.07
N TYR A 114 6.17 3.70 3.28
CA TYR A 114 5.45 3.33 4.50
C TYR A 114 6.25 3.72 5.73
N ALA A 115 7.55 3.45 5.72
CA ALA A 115 8.36 3.75 6.89
C ALA A 115 8.36 5.24 7.18
N LEU A 116 8.35 6.07 6.14
CA LEU A 116 8.26 7.51 6.32
C LEU A 116 6.91 7.92 6.88
N ALA A 117 5.83 7.29 6.40
CA ALA A 117 4.48 7.76 6.68
C ALA A 117 3.92 7.24 7.99
N LEU A 118 4.38 6.09 8.48
CA LEU A 118 3.78 5.49 9.66
C LEU A 118 3.67 6.43 10.87
N PRO A 119 4.69 7.23 11.24
CA PRO A 119 4.53 8.11 12.41
C PRO A 119 3.49 9.19 12.23
N LEU A 120 3.09 9.50 10.99
CA LEU A 120 2.10 10.53 10.71
C LEU A 120 0.70 9.97 10.51
N ALA A 121 0.52 8.66 10.65
CA ALA A 121 -0.72 7.99 10.27
C ALA A 121 -1.59 7.68 11.47
N ASN A 122 -2.90 7.74 11.27
CA ASN A 122 -3.85 7.28 12.26
C ASN A 122 -4.57 6.00 11.87
N ARG A 123 -4.23 5.40 10.73
CA ARG A 123 -5.04 4.31 10.19
C ARG A 123 -4.19 3.41 9.31
N CYS A 124 -4.30 2.09 9.50
CA CYS A 124 -3.68 1.13 8.59
C CYS A 124 -4.72 0.10 8.19
N GLU A 125 -4.84 -0.16 6.90
CA GLU A 125 -5.76 -1.16 6.36
C GLU A 125 -4.90 -2.22 5.70
N VAL A 126 -4.91 -3.43 6.25
CA VAL A 126 -3.97 -4.46 5.86
C VAL A 126 -4.75 -5.65 5.31
N THR A 127 -4.32 -6.13 4.14
CA THR A 127 -4.78 -7.42 3.64
C THR A 127 -3.68 -8.42 3.93
N GLU A 128 -4.00 -9.47 4.70
CA GLU A 128 -3.06 -10.55 4.98
C GLU A 128 -3.39 -11.71 4.06
N VAL A 129 -2.40 -12.17 3.30
CA VAL A 129 -2.57 -13.21 2.30
C VAL A 129 -1.88 -14.47 2.81
N ASP A 130 -2.63 -15.57 2.89
CA ASP A 130 -2.09 -16.80 3.47
C ASP A 130 -1.33 -17.58 2.40
N VAL A 131 -0.21 -17.01 1.99
CA VAL A 131 0.78 -17.68 1.17
C VAL A 131 2.08 -17.68 1.95
N ASP A 132 2.91 -18.68 1.71
CA ASP A 132 4.18 -18.78 2.41
C ASP A 132 5.29 -18.27 1.52
N LEU A 133 5.91 -17.18 1.95
CA LEU A 133 6.97 -16.48 1.20
C LEU A 133 8.01 -16.10 2.23
N PRO A 134 8.97 -16.97 2.48
CA PRO A 134 10.08 -16.62 3.36
C PRO A 134 10.82 -15.41 2.81
N PRO A 135 10.97 -14.35 3.61
CA PRO A 135 11.65 -13.14 3.12
C PRO A 135 13.02 -13.44 2.55
N GLU A 136 13.28 -12.90 1.37
CA GLU A 136 14.58 -12.97 0.71
C GLU A 136 15.23 -11.60 0.77
N ASP A 137 16.52 -11.57 0.44
CA ASP A 137 17.39 -10.44 0.82
C ASP A 137 16.81 -9.10 0.40
N GLU A 138 16.37 -8.96 -0.85
CA GLU A 138 15.94 -7.66 -1.36
C GLU A 138 14.41 -7.48 -1.36
N ASP A 139 13.67 -8.32 -0.63
CA ASP A 139 12.21 -8.14 -0.55
C ASP A 139 11.85 -6.78 0.04
N ALA A 140 10.69 -6.27 -0.35
CA ALA A 140 10.06 -5.16 0.35
C ALA A 140 9.16 -5.74 1.44
N LEU A 141 9.27 -5.19 2.65
CA LEU A 141 8.60 -5.74 3.83
C LEU A 141 7.57 -4.76 4.37
N ALA A 142 6.52 -5.32 4.99
CA ALA A 142 5.47 -4.50 5.56
C ALA A 142 5.97 -3.85 6.85
N PRO A 143 5.48 -2.65 7.17
CA PRO A 143 5.82 -2.06 8.46
C PRO A 143 5.30 -2.91 9.61
N VAL A 144 5.94 -2.78 10.75
CA VAL A 144 5.56 -3.52 11.95
C VAL A 144 4.74 -2.62 12.85
N LEU A 145 3.56 -3.09 13.24
CA LEU A 145 2.62 -2.34 14.06
C LEU A 145 2.65 -2.88 15.49
N ASP A 146 2.91 -1.99 16.46
CA ASP A 146 2.95 -2.39 17.85
C ASP A 146 1.56 -2.20 18.50
N GLN A 147 1.52 -2.19 19.83
CA GLN A 147 0.26 -2.09 20.56
C GLN A 147 -0.20 -0.65 20.75
N THR A 148 0.47 0.32 20.14
CA THR A 148 -0.19 1.61 19.99
C THR A 148 -1.26 1.57 18.90
N TRP A 149 -1.41 0.43 18.21
CA TRP A 149 -2.41 0.25 17.18
C TRP A 149 -3.48 -0.73 17.63
N ALA A 150 -4.74 -0.37 17.40
CA ALA A 150 -5.91 -1.18 17.74
C ALA A 150 -6.48 -1.79 16.46
N GLY A 151 -6.47 -3.12 16.38
CA GLY A 151 -6.89 -3.83 15.18
C GLY A 151 -8.22 -4.54 15.37
N THR A 152 -9.00 -4.57 14.29
CA THR A 152 -10.15 -5.47 14.19
C THR A 152 -9.99 -6.25 12.89
N SER A 153 -10.26 -7.56 12.95
CA SER A 153 -10.00 -8.44 11.81
C SER A 153 -11.29 -9.08 11.34
N GLY A 154 -11.40 -9.25 10.02
CA GLY A 154 -12.41 -10.10 9.45
C GLY A 154 -12.02 -11.56 9.58
N GLU A 155 -12.91 -12.43 9.13
CA GLU A 155 -12.60 -13.86 9.12
C GLU A 155 -11.68 -14.19 7.95
N TRP A 156 -10.97 -15.32 8.07
CA TRP A 156 -10.29 -15.88 6.92
C TRP A 156 -11.33 -16.16 5.84
N LEU A 157 -11.08 -15.65 4.64
CA LEU A 157 -11.96 -15.84 3.51
C LEU A 157 -11.21 -16.55 2.41
N VAL A 158 -11.95 -17.23 1.54
CA VAL A 158 -11.36 -17.92 0.40
C VAL A 158 -11.75 -17.14 -0.84
N SER A 159 -10.75 -16.74 -1.62
CA SER A 159 -11.04 -15.96 -2.82
C SER A 159 -11.63 -16.85 -3.90
N ARG A 160 -12.25 -16.22 -4.90
CA ARG A 160 -12.74 -16.98 -6.05
CA ARG A 160 -12.74 -16.98 -6.04
C ARG A 160 -11.62 -17.80 -6.67
N SER A 161 -10.39 -17.28 -6.63
CA SER A 161 -9.23 -17.98 -7.19
C SER A 161 -8.68 -19.07 -6.26
N GLY A 162 -9.11 -19.13 -5.00
CA GLY A 162 -8.69 -20.20 -4.11
C GLY A 162 -7.69 -19.80 -3.04
N LEU A 163 -7.13 -18.59 -3.09
CA LEU A 163 -6.22 -18.15 -2.06
C LEU A 163 -6.97 -17.69 -0.82
N ARG A 164 -6.41 -17.97 0.34
CA ARG A 164 -6.99 -17.56 1.60
C ARG A 164 -6.43 -16.20 2.01
N TYR A 165 -7.31 -15.32 2.51
CA TYR A 165 -6.90 -13.98 2.90
C TYR A 165 -7.84 -13.46 3.98
N ARG A 166 -7.41 -12.39 4.66
CA ARG A 166 -8.29 -11.71 5.60
C ARG A 166 -7.88 -10.25 5.73
N MET A 167 -8.85 -9.41 6.05
CA MET A 167 -8.66 -7.97 6.18
C MET A 167 -8.47 -7.60 7.65
N HIS A 168 -7.54 -6.68 7.90
CA HIS A 168 -7.33 -6.10 9.22
C HIS A 168 -7.44 -4.59 9.12
N SER A 169 -8.11 -3.95 10.09
CA SER A 169 -8.22 -2.50 10.17
CA SER A 169 -8.21 -2.50 10.17
C SER A 169 -7.61 -2.05 11.49
N TYR A 170 -6.58 -1.21 11.42
CA TYR A 170 -5.87 -0.71 12.58
C TYR A 170 -6.09 0.79 12.76
N ARG A 171 -6.39 1.21 13.98
CA ARG A 171 -6.51 2.62 14.35
C ARG A 171 -5.54 2.91 15.48
N ARG A 172 -4.99 4.12 15.49
CA ARG A 172 -3.99 4.47 16.49
C ARG A 172 -4.68 4.71 17.83
N LEU A 173 -4.37 3.87 18.81
CA LEU A 173 -4.86 4.06 20.18
C LEU A 173 -4.35 5.39 20.74
#